data_1CBF
#
_entry.id   1CBF
#
_cell.length_a   80.700
_cell.length_b   80.700
_cell.length_c   109.400
_cell.angle_alpha   90.00
_cell.angle_beta   90.00
_cell.angle_gamma   120.00
#
_symmetry.space_group_name_H-M   'P 31 2 1'
#
loop_
_entity.id
_entity.type
_entity.pdbx_description
1 polymer 'COBALT-PRECORRIN-4 TRANSMETHYLASE'
2 non-polymer 'PHOSPHATE ION'
3 non-polymer S-ADENOSYL-L-HOMOCYSTEINE
4 water water
#
_entity_poly.entity_id   1
_entity_poly.type   'polypeptide(L)'
_entity_poly.pdbx_seq_one_letter_code
;MGSSHHHHHHSSGLVPRGSHMKLYIIGAGPGDPDLITVKGLKLLQQADVVLYADSLVSQDLIAKSKPGAEVLKTAGMHLE
EMVGTMLDRMREGKMVVRVHTGDPAMYGAIMEQMVLLKREGVDIEIVPGVTSVFAAAAAAEAELTIPDLTQTVILTRAEG
RTPVPEFEKLTDLAKHKCTIALFLSSTLTKKVMKEFINAGWSEDTPVVVVYKATWPDEKIVRTTVKDLDDAMRTNGIRKQ
AMILAGWALDPATPWLSGLGENPAIRAMFVAHLHQALNMAVEEAA
;
_entity_poly.pdbx_strand_id   A
#
loop_
_chem_comp.id
_chem_comp.type
_chem_comp.name
_chem_comp.formula
PO4 non-polymer 'PHOSPHATE ION' 'O4 P -3'
#
# COMPACT_ATOMS: atom_id res chain seq x y z
N GLY A 13 -19.47 -2.25 -27.41
CA GLY A 13 -19.75 -3.73 -27.43
C GLY A 13 -21.23 -3.98 -27.73
N LEU A 14 -21.50 -4.96 -28.59
CA LEU A 14 -22.82 -5.23 -29.08
C LEU A 14 -23.90 -5.62 -28.10
N VAL A 15 -23.68 -6.52 -27.17
CA VAL A 15 -24.78 -7.11 -26.39
C VAL A 15 -24.61 -7.01 -24.89
N PRO A 16 -25.72 -6.80 -24.16
CA PRO A 16 -25.75 -6.66 -22.72
C PRO A 16 -25.32 -7.91 -21.96
N ARG A 17 -24.38 -7.73 -21.02
CA ARG A 17 -23.90 -8.89 -20.26
C ARG A 17 -23.94 -8.66 -18.77
N GLY A 18 -24.60 -7.59 -18.32
CA GLY A 18 -24.66 -7.33 -16.88
C GLY A 18 -23.32 -6.87 -16.33
N SER A 19 -22.45 -6.32 -17.15
CA SER A 19 -21.16 -5.79 -16.94
C SER A 19 -21.13 -4.52 -16.07
N HIS A 20 -22.26 -3.85 -15.85
CA HIS A 20 -22.29 -2.75 -14.88
C HIS A 20 -22.25 -3.38 -13.48
N MET A 21 -22.63 -4.64 -13.29
CA MET A 21 -22.61 -5.21 -11.93
C MET A 21 -21.23 -5.74 -11.54
N LYS A 22 -20.27 -4.84 -11.49
CA LYS A 22 -18.87 -5.11 -11.30
C LYS A 22 -18.16 -3.95 -10.60
N LEU A 23 -17.23 -4.33 -9.73
CA LEU A 23 -16.33 -3.43 -9.06
C LEU A 23 -14.90 -3.80 -9.49
N TYR A 24 -14.19 -2.86 -10.05
CA TYR A 24 -12.76 -2.88 -10.30
C TYR A 24 -12.00 -2.24 -9.13
N ILE A 25 -11.13 -3.01 -8.51
CA ILE A 25 -10.37 -2.61 -7.34
C ILE A 25 -8.90 -2.44 -7.80
N ILE A 26 -8.52 -1.21 -8.11
CA ILE A 26 -7.37 -0.91 -8.93
C ILE A 26 -6.21 -0.49 -8.03
N GLY A 27 -5.07 -1.13 -8.21
CA GLY A 27 -3.84 -0.85 -7.52
C GLY A 27 -3.21 0.37 -8.23
N ALA A 28 -3.34 1.53 -7.58
CA ALA A 28 -2.82 2.76 -8.14
C ALA A 28 -1.29 2.75 -8.18
N GLY A 29 -0.54 2.03 -7.37
CA GLY A 29 0.89 2.18 -7.30
C GLY A 29 1.23 3.06 -6.10
N PRO A 30 2.50 3.35 -5.90
CA PRO A 30 3.01 4.09 -4.79
C PRO A 30 2.69 5.57 -4.78
N GLY A 31 2.27 6.17 -5.92
CA GLY A 31 2.01 7.61 -5.88
C GLY A 31 2.30 8.26 -7.22
N ASP A 32 3.48 8.12 -7.84
CA ASP A 32 3.65 8.67 -9.20
C ASP A 32 2.48 8.16 -10.06
N PRO A 33 1.81 9.05 -10.77
CA PRO A 33 0.69 8.68 -11.64
C PRO A 33 1.05 7.70 -12.73
N ASP A 34 2.30 7.75 -13.18
CA ASP A 34 2.77 6.75 -14.14
C ASP A 34 3.15 5.40 -13.56
N LEU A 35 3.06 5.14 -12.27
CA LEU A 35 3.33 3.80 -11.75
C LEU A 35 2.01 3.02 -11.63
N ILE A 36 0.89 3.59 -12.05
CA ILE A 36 -0.30 2.77 -12.21
C ILE A 36 0.00 1.83 -13.39
N THR A 37 -0.64 0.66 -13.38
CA THR A 37 -0.52 -0.17 -14.61
C THR A 37 -1.23 0.46 -15.78
N VAL A 38 -0.89 0.10 -16.99
CA VAL A 38 -1.55 0.57 -18.21
C VAL A 38 -3.01 0.19 -18.15
N LYS A 39 -3.32 -1.04 -17.74
CA LYS A 39 -4.68 -1.54 -17.57
C LYS A 39 -5.42 -0.73 -16.53
N GLY A 40 -4.82 -0.48 -15.34
CA GLY A 40 -5.56 0.32 -14.36
C GLY A 40 -5.89 1.70 -14.98
N LEU A 41 -4.95 2.36 -15.66
CA LEU A 41 -5.19 3.63 -16.28
C LEU A 41 -6.32 3.52 -17.31
N LYS A 42 -6.34 2.51 -18.18
CA LYS A 42 -7.51 2.40 -19.05
C LYS A 42 -8.80 2.34 -18.26
N LEU A 43 -8.93 1.51 -17.24
CA LEU A 43 -10.18 1.47 -16.51
C LEU A 43 -10.46 2.83 -15.87
N LEU A 44 -9.47 3.46 -15.24
CA LEU A 44 -9.67 4.73 -14.58
C LEU A 44 -10.16 5.80 -15.57
N GLN A 45 -9.73 5.74 -16.82
CA GLN A 45 -10.15 6.68 -17.83
C GLN A 45 -11.56 6.42 -18.37
N GLN A 46 -12.15 5.26 -18.11
CA GLN A 46 -13.45 5.01 -18.67
C GLN A 46 -14.54 5.08 -17.60
N ALA A 47 -14.17 4.83 -16.34
CA ALA A 47 -15.07 4.79 -15.23
C ALA A 47 -16.04 5.97 -15.24
N ASP A 48 -17.28 5.70 -14.81
CA ASP A 48 -18.26 6.78 -14.64
C ASP A 48 -18.18 7.26 -13.21
N VAL A 49 -17.83 6.34 -12.30
CA VAL A 49 -17.74 6.54 -10.88
C VAL A 49 -16.39 6.05 -10.37
N VAL A 50 -15.61 6.96 -9.76
CA VAL A 50 -14.30 6.73 -9.20
C VAL A 50 -14.23 6.91 -7.70
N LEU A 51 -14.04 5.89 -6.88
CA LEU A 51 -13.91 5.97 -5.45
C LEU A 51 -12.44 5.86 -5.00
N TYR A 52 -12.01 6.67 -4.05
CA TYR A 52 -10.64 6.71 -3.56
C TYR A 52 -10.48 7.49 -2.26
N ALA A 53 -9.34 7.29 -1.61
CA ALA A 53 -8.93 7.91 -0.38
C ALA A 53 -7.92 9.03 -0.61
N ASP A 54 -8.36 10.25 -0.31
CA ASP A 54 -7.58 11.46 -0.50
C ASP A 54 -6.18 11.39 0.10
N SER A 55 -5.39 12.32 -0.42
CA SER A 55 -3.99 12.48 -0.13
C SER A 55 -3.36 11.16 0.21
N LEU A 56 -3.18 10.22 -0.68
CA LEU A 56 -2.53 8.92 -0.51
C LEU A 56 -2.45 8.36 -1.95
N VAL A 57 -3.53 8.71 -2.66
CA VAL A 57 -3.72 8.45 -4.07
C VAL A 57 -3.53 9.85 -4.68
N SER A 58 -2.59 10.04 -5.55
CA SER A 58 -2.36 11.36 -6.09
C SER A 58 -3.54 11.93 -6.87
N GLN A 59 -3.69 13.25 -6.69
CA GLN A 59 -4.66 14.10 -7.35
C GLN A 59 -4.44 14.09 -8.86
N ASP A 60 -3.20 14.04 -9.30
CA ASP A 60 -2.84 13.98 -10.69
C ASP A 60 -3.23 12.61 -11.28
N LEU A 61 -3.40 11.56 -10.47
CA LEU A 61 -3.83 10.30 -11.08
C LEU A 61 -5.36 10.41 -11.21
N ILE A 62 -6.07 10.74 -10.15
CA ILE A 62 -7.49 10.91 -10.14
C ILE A 62 -7.97 11.95 -11.16
N ALA A 63 -7.26 13.01 -11.46
CA ALA A 63 -7.63 13.94 -12.53
C ALA A 63 -7.57 13.25 -13.89
N LYS A 64 -6.99 12.05 -14.04
CA LYS A 64 -7.04 11.42 -15.35
C LYS A 64 -8.43 10.84 -15.66
N SER A 65 -9.37 10.81 -14.72
CA SER A 65 -10.71 10.28 -15.03
C SER A 65 -11.39 11.23 -16.02
N LYS A 66 -12.40 10.72 -16.71
CA LYS A 66 -13.00 11.46 -17.82
C LYS A 66 -13.93 12.57 -17.33
N PRO A 67 -14.04 13.58 -18.17
CA PRO A 67 -14.95 14.71 -17.90
C PRO A 67 -16.34 14.16 -17.59
N GLY A 68 -16.94 14.53 -16.49
CA GLY A 68 -18.27 14.02 -16.13
C GLY A 68 -18.22 12.90 -15.10
N ALA A 69 -17.08 12.23 -14.92
CA ALA A 69 -17.04 11.13 -13.95
C ALA A 69 -17.48 11.70 -12.60
N GLU A 70 -18.13 10.90 -11.79
CA GLU A 70 -18.39 11.31 -10.40
C GLU A 70 -17.20 10.77 -9.59
N VAL A 71 -16.49 11.68 -8.93
CA VAL A 71 -15.32 11.36 -8.12
C VAL A 71 -15.67 11.46 -6.66
N LEU A 72 -15.76 10.39 -5.92
CA LEU A 72 -16.08 10.36 -4.50
C LEU A 72 -14.90 10.00 -3.58
N LYS A 73 -14.68 10.74 -2.51
CA LYS A 73 -13.71 10.49 -1.49
C LYS A 73 -14.36 9.60 -0.45
N THR A 74 -13.72 8.54 0.03
CA THR A 74 -14.40 7.63 0.93
C THR A 74 -14.00 7.73 2.38
N ALA A 75 -12.96 8.46 2.74
CA ALA A 75 -12.52 8.57 4.13
C ALA A 75 -13.68 8.73 5.11
N GLY A 76 -14.44 9.83 4.97
CA GLY A 76 -15.57 10.08 5.83
C GLY A 76 -16.86 9.38 5.47
N MET A 77 -16.83 8.07 5.28
CA MET A 77 -18.00 7.33 4.78
C MET A 77 -17.99 6.00 5.50
N HIS A 78 -19.04 5.50 6.08
CA HIS A 78 -19.06 4.17 6.63
C HIS A 78 -19.21 3.08 5.56
N LEU A 79 -18.96 1.83 5.87
CA LEU A 79 -18.98 0.67 5.02
C LEU A 79 -20.28 0.44 4.24
N GLU A 80 -21.38 0.30 4.95
CA GLU A 80 -22.70 0.08 4.36
C GLU A 80 -23.14 1.22 3.44
N GLU A 81 -22.76 2.46 3.68
CA GLU A 81 -23.12 3.59 2.87
C GLU A 81 -22.36 3.68 1.55
N MET A 82 -21.06 3.35 1.66
CA MET A 82 -20.15 3.36 0.54
C MET A 82 -20.62 2.26 -0.44
N VAL A 83 -20.86 1.10 0.16
CA VAL A 83 -21.32 -0.05 -0.53
C VAL A 83 -22.69 0.20 -1.17
N GLY A 84 -23.58 0.84 -0.40
CA GLY A 84 -24.93 1.16 -0.88
C GLY A 84 -24.84 2.16 -2.01
N THR A 85 -23.91 3.11 -1.95
CA THR A 85 -23.71 4.04 -3.06
C THR A 85 -23.13 3.36 -4.29
N MET A 86 -22.22 2.41 -4.08
CA MET A 86 -21.59 1.70 -5.20
C MET A 86 -22.69 0.92 -5.96
N LEU A 87 -23.54 0.23 -5.25
CA LEU A 87 -24.61 -0.56 -5.81
C LEU A 87 -25.67 0.27 -6.55
N ASP A 88 -26.00 1.46 -6.01
CA ASP A 88 -26.90 2.36 -6.64
C ASP A 88 -26.40 2.81 -8.01
N ARG A 89 -25.11 3.11 -8.11
CA ARG A 89 -24.55 3.55 -9.36
C ARG A 89 -24.45 2.35 -10.31
N MET A 90 -24.10 1.17 -9.78
CA MET A 90 -24.02 -0.03 -10.57
C MET A 90 -25.39 -0.32 -11.24
N ARG A 91 -26.46 -0.24 -10.43
CA ARG A 91 -27.84 -0.49 -10.81
C ARG A 91 -28.47 0.58 -11.65
N GLU A 92 -27.73 1.65 -11.92
CA GLU A 92 -28.09 2.69 -12.84
C GLU A 92 -27.26 2.39 -14.11
N GLY A 93 -26.39 1.38 -14.09
CA GLY A 93 -25.73 1.05 -15.36
C GLY A 93 -24.39 1.71 -15.58
N LYS A 94 -23.86 2.20 -14.49
CA LYS A 94 -22.58 2.91 -14.47
C LYS A 94 -21.40 1.97 -14.23
N MET A 95 -20.25 2.28 -14.83
CA MET A 95 -18.99 1.65 -14.58
C MET A 95 -18.34 2.34 -13.37
N VAL A 96 -18.27 1.58 -12.30
CA VAL A 96 -17.74 1.92 -11.00
C VAL A 96 -16.39 1.24 -10.69
N VAL A 97 -15.46 2.04 -10.17
CA VAL A 97 -14.07 1.61 -9.86
C VAL A 97 -13.62 2.24 -8.56
N ARG A 98 -12.76 1.60 -7.79
CA ARG A 98 -12.24 2.06 -6.51
C ARG A 98 -10.72 1.97 -6.59
N VAL A 99 -10.01 3.05 -6.38
CA VAL A 99 -8.57 3.18 -6.60
C VAL A 99 -7.87 3.10 -5.24
N HIS A 100 -6.97 2.15 -5.05
CA HIS A 100 -6.31 1.93 -3.77
C HIS A 100 -4.78 2.14 -3.92
N THR A 101 -4.13 2.65 -2.89
CA THR A 101 -2.71 2.86 -2.89
C THR A 101 -1.92 1.55 -3.14
N GLY A 102 -0.82 1.63 -3.85
CA GLY A 102 0.10 0.49 -3.93
C GLY A 102 -0.63 -0.73 -4.53
N ASP A 103 -0.55 -1.87 -3.84
CA ASP A 103 -1.33 -3.02 -4.36
C ASP A 103 -2.37 -3.27 -3.28
N PRO A 104 -3.60 -3.58 -3.63
CA PRO A 104 -4.65 -3.75 -2.65
C PRO A 104 -4.50 -4.89 -1.69
N ALA A 105 -3.66 -5.89 -2.03
CA ALA A 105 -3.51 -7.06 -1.20
C ALA A 105 -2.81 -6.75 0.14
N MET A 106 -2.06 -5.67 0.23
CA MET A 106 -1.36 -5.34 1.45
C MET A 106 -2.07 -4.21 2.17
N TYR A 107 -2.89 -4.63 3.15
CA TYR A 107 -3.64 -3.72 4.00
C TYR A 107 -4.51 -2.77 3.17
N GLY A 108 -5.08 -3.26 2.05
CA GLY A 108 -5.96 -2.43 1.22
C GLY A 108 -7.38 -2.35 1.83
N ALA A 109 -7.76 -3.22 2.76
CA ALA A 109 -9.04 -3.27 3.40
C ALA A 109 -10.10 -3.38 2.25
N ILE A 110 -9.94 -4.44 1.45
CA ILE A 110 -10.88 -4.65 0.37
C ILE A 110 -11.84 -5.77 0.73
N MET A 111 -11.53 -6.69 1.63
CA MET A 111 -12.41 -7.83 1.83
C MET A 111 -13.85 -7.49 2.26
N GLU A 112 -14.04 -6.50 3.12
CA GLU A 112 -15.35 -6.17 3.65
C GLU A 112 -16.28 -5.70 2.55
N GLN A 113 -15.84 -4.77 1.71
CA GLN A 113 -16.66 -4.39 0.58
C GLN A 113 -16.86 -5.57 -0.38
N MET A 114 -15.88 -6.44 -0.62
CA MET A 114 -16.12 -7.54 -1.54
C MET A 114 -17.24 -8.46 -1.07
N VAL A 115 -17.22 -8.83 0.21
CA VAL A 115 -18.21 -9.73 0.77
C VAL A 115 -19.61 -9.14 0.62
N LEU A 116 -19.84 -7.88 0.99
CA LEU A 116 -21.14 -7.26 0.86
C LEU A 116 -21.56 -7.15 -0.63
N LEU A 117 -20.65 -6.81 -1.55
CA LEU A 117 -21.01 -6.66 -2.93
C LEU A 117 -21.32 -7.99 -3.59
N LYS A 118 -20.54 -9.02 -3.30
CA LYS A 118 -20.82 -10.30 -3.94
C LYS A 118 -22.17 -10.80 -3.48
N ARG A 119 -22.64 -10.57 -2.28
CA ARG A 119 -23.98 -10.94 -1.85
C ARG A 119 -25.08 -10.27 -2.65
N GLU A 120 -24.77 -9.15 -3.31
CA GLU A 120 -25.70 -8.40 -4.15
C GLU A 120 -25.45 -8.72 -5.60
N GLY A 121 -24.74 -9.83 -5.83
CA GLY A 121 -24.42 -10.30 -7.16
C GLY A 121 -23.45 -9.44 -7.93
N VAL A 122 -22.48 -8.77 -7.29
CA VAL A 122 -21.55 -7.95 -8.08
C VAL A 122 -20.32 -8.73 -8.40
N ASP A 123 -19.73 -8.65 -9.56
CA ASP A 123 -18.48 -9.32 -9.86
C ASP A 123 -17.31 -8.44 -9.39
N ILE A 124 -16.26 -9.07 -8.86
CA ILE A 124 -15.08 -8.30 -8.55
C ILE A 124 -13.94 -8.62 -9.53
N GLU A 125 -13.28 -7.53 -9.92
CA GLU A 125 -11.99 -7.62 -10.55
C GLU A 125 -10.97 -6.72 -9.82
N ILE A 126 -9.92 -7.34 -9.27
CA ILE A 126 -8.80 -6.67 -8.70
C ILE A 126 -7.73 -6.51 -9.76
N VAL A 127 -7.22 -5.32 -9.96
CA VAL A 127 -6.12 -5.03 -10.90
C VAL A 127 -4.90 -4.78 -10.01
N PRO A 128 -3.97 -5.73 -9.99
CA PRO A 128 -2.79 -5.65 -9.14
C PRO A 128 -1.97 -4.41 -9.43
N GLY A 129 -1.18 -3.95 -8.47
CA GLY A 129 -0.38 -2.72 -8.72
C GLY A 129 1.00 -2.85 -8.03
N VAL A 130 1.75 -1.75 -8.12
CA VAL A 130 3.08 -1.68 -7.60
C VAL A 130 3.00 -1.34 -6.12
N THR A 131 3.40 -2.28 -5.26
CA THR A 131 3.31 -2.00 -3.84
C THR A 131 4.46 -1.13 -3.38
N SER A 132 4.22 -0.40 -2.30
CA SER A 132 5.24 0.55 -1.83
C SER A 132 6.52 -0.13 -1.36
N VAL A 133 6.51 -1.38 -0.91
CA VAL A 133 7.67 -2.10 -0.59
C VAL A 133 8.63 -2.08 -1.83
N PHE A 134 8.06 -2.40 -3.01
CA PHE A 134 8.86 -2.56 -4.20
C PHE A 134 9.29 -1.20 -4.75
N ALA A 135 8.42 -0.23 -4.65
CA ALA A 135 8.76 1.15 -5.01
C ALA A 135 9.95 1.64 -4.15
N ALA A 136 10.01 1.34 -2.86
CA ALA A 136 11.09 1.67 -1.97
C ALA A 136 12.35 0.86 -2.26
N ALA A 137 12.27 -0.44 -2.46
CA ALA A 137 13.45 -1.20 -2.92
C ALA A 137 14.10 -0.61 -4.18
N ALA A 138 13.26 -0.28 -5.17
CA ALA A 138 13.77 0.30 -6.40
C ALA A 138 14.51 1.61 -6.08
N ALA A 139 13.86 2.51 -5.33
CA ALA A 139 14.42 3.84 -5.10
C ALA A 139 15.80 3.68 -4.42
N ALA A 140 15.93 2.68 -3.57
CA ALA A 140 17.11 2.35 -2.83
C ALA A 140 18.08 1.51 -3.63
N GLU A 141 17.72 1.13 -4.88
CA GLU A 141 18.61 0.33 -5.71
C GLU A 141 18.98 -0.98 -5.04
N ALA A 142 17.95 -1.57 -4.44
CA ALA A 142 18.26 -2.82 -3.75
C ALA A 142 17.38 -3.91 -4.32
N GLU A 143 18.00 -5.07 -4.46
CA GLU A 143 17.27 -6.33 -4.64
C GLU A 143 17.01 -6.89 -3.24
N LEU A 144 15.83 -7.47 -2.92
CA LEU A 144 15.59 -7.85 -1.55
C LEU A 144 16.02 -9.25 -1.22
N THR A 145 16.34 -9.98 -2.28
CA THR A 145 16.77 -11.37 -2.21
C THR A 145 18.20 -11.49 -2.73
N ILE A 146 19.14 -12.02 -1.95
CA ILE A 146 20.55 -12.12 -2.34
C ILE A 146 20.96 -13.58 -2.13
N PRO A 147 21.34 -14.26 -3.21
CA PRO A 147 21.79 -15.67 -3.09
C PRO A 147 22.81 -15.83 -2.01
N ASP A 148 22.75 -16.69 -1.03
CA ASP A 148 23.70 -16.85 0.05
C ASP A 148 23.60 -15.85 1.20
N LEU A 149 22.71 -14.88 1.16
CA LEU A 149 22.52 -13.90 2.21
C LEU A 149 21.07 -14.07 2.71
N THR A 150 20.10 -13.86 1.81
CA THR A 150 18.73 -14.00 2.22
C THR A 150 17.84 -14.37 1.05
N GLN A 151 16.90 -15.26 1.22
CA GLN A 151 15.97 -15.66 0.17
C GLN A 151 14.49 -15.43 0.57
N THR A 152 14.30 -14.68 1.66
CA THR A 152 12.99 -14.41 2.26
C THR A 152 12.81 -12.92 2.57
N VAL A 153 11.61 -12.43 2.25
CA VAL A 153 11.25 -11.04 2.51
C VAL A 153 9.97 -11.02 3.35
N ILE A 154 10.04 -10.38 4.51
CA ILE A 154 8.88 -10.48 5.41
C ILE A 154 8.12 -9.16 5.38
N LEU A 155 6.88 -9.17 4.91
CA LEU A 155 6.08 -7.96 4.90
C LEU A 155 5.23 -7.97 6.18
N THR A 156 5.37 -6.92 6.95
CA THR A 156 4.58 -6.82 8.19
C THR A 156 4.44 -5.36 8.63
N ARG A 157 3.93 -5.19 9.84
CA ARG A 157 3.81 -3.88 10.48
C ARG A 157 4.26 -3.97 11.93
N ALA A 158 4.89 -2.95 12.52
CA ALA A 158 5.14 -2.91 13.97
C ALA A 158 3.82 -2.74 14.73
N GLU A 159 3.75 -3.24 15.95
CA GLU A 159 2.57 -3.13 16.82
C GLU A 159 2.55 -1.84 17.64
N GLY A 160 1.57 -0.96 17.43
CA GLY A 160 1.46 0.26 18.25
C GLY A 160 0.35 0.01 19.28
N ARG A 161 -0.81 0.68 19.15
CA ARG A 161 -1.89 0.27 20.11
C ARG A 161 -2.73 -0.87 19.58
N THR A 162 -2.84 -1.06 18.27
CA THR A 162 -3.56 -2.17 17.67
C THR A 162 -2.63 -3.39 17.57
N PRO A 163 -2.82 -4.38 18.39
CA PRO A 163 -1.89 -5.50 18.51
C PRO A 163 -1.84 -6.34 17.24
N VAL A 164 -0.72 -7.05 17.03
CA VAL A 164 -0.69 -7.96 15.87
C VAL A 164 -0.94 -9.35 16.46
N PRO A 165 -1.30 -10.32 15.64
CA PRO A 165 -1.47 -11.68 16.11
C PRO A 165 -0.27 -12.15 16.93
N GLU A 166 -0.55 -13.07 17.84
CA GLU A 166 0.40 -13.63 18.78
C GLU A 166 1.65 -14.19 18.14
N PHE A 167 1.58 -14.88 17.02
CA PHE A 167 2.76 -15.48 16.40
C PHE A 167 3.45 -14.62 15.39
N GLU A 168 3.19 -13.34 15.38
CA GLU A 168 3.68 -12.42 14.38
C GLU A 168 4.34 -11.20 15.01
N LYS A 169 4.79 -11.23 16.24
CA LYS A 169 5.50 -10.13 16.85
C LYS A 169 6.78 -9.82 16.10
N LEU A 170 7.17 -8.56 16.05
CA LEU A 170 8.34 -8.22 15.24
C LEU A 170 9.58 -9.00 15.67
N THR A 171 9.98 -9.09 16.93
CA THR A 171 11.11 -9.82 17.41
C THR A 171 11.18 -11.27 16.88
N ASP A 172 10.09 -12.01 17.02
CA ASP A 172 10.05 -13.39 16.57
C ASP A 172 10.25 -13.45 15.05
N LEU A 173 9.58 -12.54 14.33
CA LEU A 173 9.76 -12.48 12.89
C LEU A 173 11.22 -12.15 12.57
N ALA A 174 11.89 -11.32 13.39
CA ALA A 174 13.25 -10.93 13.08
C ALA A 174 14.31 -11.98 13.43
N LYS A 175 13.94 -13.05 14.08
CA LYS A 175 14.92 -14.13 14.31
C LYS A 175 15.38 -14.83 13.03
N HIS A 176 14.66 -14.67 11.92
CA HIS A 176 14.99 -15.28 10.64
C HIS A 176 16.09 -14.47 9.98
N LYS A 177 16.43 -13.27 10.42
CA LYS A 177 17.52 -12.48 9.89
C LYS A 177 17.45 -12.29 8.39
N CYS A 178 16.29 -12.18 7.81
CA CYS A 178 16.12 -11.99 6.38
C CYS A 178 15.77 -10.55 6.15
N THR A 179 15.29 -10.18 4.98
CA THR A 179 14.78 -8.81 4.78
C THR A 179 13.39 -8.59 5.37
N ILE A 180 13.15 -7.49 6.05
CA ILE A 180 11.87 -7.23 6.73
C ILE A 180 11.38 -5.88 6.13
N ALA A 181 10.15 -5.85 5.69
CA ALA A 181 9.66 -4.57 5.17
C ALA A 181 8.40 -4.15 5.99
N LEU A 182 8.56 -3.04 6.71
CA LEU A 182 7.54 -2.52 7.60
C LEU A 182 6.62 -1.47 6.95
N PHE A 183 5.34 -1.80 6.82
CA PHE A 183 4.25 -0.88 6.52
C PHE A 183 3.72 -0.23 7.80
N LEU A 184 3.05 0.90 7.70
CA LEU A 184 2.34 1.57 8.79
C LEU A 184 3.16 1.71 10.06
N SER A 185 4.45 1.94 9.99
CA SER A 185 5.31 1.94 11.16
C SER A 185 6.27 3.09 11.27
N SER A 186 6.11 4.15 10.49
CA SER A 186 7.01 5.26 10.63
C SER A 186 7.01 5.94 12.00
N THR A 187 6.01 5.86 12.86
CA THR A 187 6.10 6.52 14.16
C THR A 187 6.23 5.49 15.26
N LEU A 188 6.67 4.27 14.90
CA LEU A 188 6.93 3.18 15.80
C LEU A 188 8.38 2.71 15.79
N THR A 189 9.29 3.61 15.39
CA THR A 189 10.70 3.22 15.28
C THR A 189 11.35 2.87 16.61
N LYS A 190 10.91 3.36 17.79
CA LYS A 190 11.49 2.91 19.03
C LYS A 190 11.14 1.44 19.29
N LYS A 191 9.85 1.14 19.06
CA LYS A 191 9.42 -0.27 19.14
C LYS A 191 10.16 -1.16 18.13
N VAL A 192 10.40 -0.73 16.89
CA VAL A 192 11.08 -1.55 15.90
C VAL A 192 12.52 -1.85 16.33
N MET A 193 13.19 -0.78 16.81
CA MET A 193 14.55 -0.95 17.29
C MET A 193 14.69 -1.99 18.40
N LYS A 194 13.83 -1.89 19.38
CA LYS A 194 13.84 -2.80 20.53
C LYS A 194 13.59 -4.23 20.05
N GLU A 195 12.56 -4.37 19.20
CA GLU A 195 12.29 -5.66 18.61
C GLU A 195 13.50 -6.23 17.81
N PHE A 196 14.20 -5.44 17.02
CA PHE A 196 15.36 -5.93 16.29
C PHE A 196 16.55 -6.29 17.21
N ILE A 197 16.83 -5.46 18.20
CA ILE A 197 17.92 -5.70 19.15
C ILE A 197 17.56 -6.87 20.04
N ASN A 198 16.28 -7.02 20.47
CA ASN A 198 15.96 -8.23 21.21
C ASN A 198 16.07 -9.49 20.37
N ALA A 199 15.90 -9.47 19.04
CA ALA A 199 16.03 -10.69 18.25
C ALA A 199 17.52 -11.07 18.10
N GLY A 200 18.43 -10.20 18.47
CA GLY A 200 19.86 -10.42 18.38
C GLY A 200 20.47 -9.73 17.17
N TRP A 201 19.73 -8.86 16.47
CA TRP A 201 20.34 -8.26 15.30
C TRP A 201 21.47 -7.36 15.77
N SER A 202 22.54 -7.25 14.98
CA SER A 202 23.50 -6.20 15.24
C SER A 202 22.76 -4.87 15.19
N GLU A 203 23.16 -3.92 16.02
CA GLU A 203 22.66 -2.55 15.98
C GLU A 203 23.22 -1.84 14.75
N ASP A 204 24.18 -2.41 14.05
CA ASP A 204 24.64 -1.83 12.81
C ASP A 204 23.92 -2.35 11.57
N THR A 205 22.95 -3.26 11.70
CA THR A 205 22.26 -3.72 10.51
C THR A 205 21.62 -2.57 9.75
N PRO A 206 21.88 -2.51 8.45
CA PRO A 206 21.29 -1.51 7.56
C PRO A 206 19.76 -1.43 7.61
N VAL A 207 19.25 -0.20 7.65
CA VAL A 207 17.84 0.12 7.52
C VAL A 207 17.67 1.28 6.52
N VAL A 208 16.85 1.11 5.45
CA VAL A 208 16.60 2.15 4.50
C VAL A 208 15.13 2.60 4.65
N VAL A 209 14.90 3.90 4.85
CA VAL A 209 13.54 4.43 4.99
C VAL A 209 13.19 5.24 3.75
N VAL A 210 12.10 4.90 3.05
CA VAL A 210 11.71 5.64 1.87
C VAL A 210 10.32 6.24 2.21
N TYR A 211 10.40 7.56 2.39
CA TYR A 211 9.24 8.37 2.69
C TYR A 211 8.60 8.80 1.39
N LYS A 212 7.30 8.58 1.23
CA LYS A 212 6.65 8.97 -0.03
C LYS A 212 7.37 8.53 -1.28
N ALA A 213 7.66 7.21 -1.37
CA ALA A 213 8.44 6.80 -2.57
C ALA A 213 7.67 7.23 -3.78
N THR A 214 8.34 7.74 -4.79
CA THR A 214 7.96 8.17 -6.11
C THR A 214 7.18 9.46 -6.15
N TRP A 215 6.94 10.07 -4.97
CA TRP A 215 6.23 11.37 -5.05
C TRP A 215 7.30 12.43 -5.28
N PRO A 216 6.94 13.64 -5.64
CA PRO A 216 7.88 14.74 -5.79
C PRO A 216 8.64 15.01 -4.52
N ASP A 217 8.09 14.88 -3.34
CA ASP A 217 8.78 15.10 -2.06
C ASP A 217 9.35 13.82 -1.47
N GLU A 218 9.64 12.78 -2.24
CA GLU A 218 10.27 11.57 -1.74
C GLU A 218 11.54 11.86 -0.96
N LYS A 219 11.83 11.14 0.12
CA LYS A 219 13.13 11.23 0.74
C LYS A 219 13.58 9.79 0.97
N ILE A 220 14.85 9.58 0.69
CA ILE A 220 15.51 8.32 0.93
C ILE A 220 16.45 8.52 2.11
N VAL A 221 16.28 7.81 3.20
CA VAL A 221 17.16 7.89 4.33
C VAL A 221 17.94 6.59 4.49
N ARG A 222 19.26 6.66 4.55
CA ARG A 222 20.04 5.44 4.85
C ARG A 222 20.50 5.41 6.30
N THR A 223 20.28 4.38 7.09
CA THR A 223 20.65 4.48 8.49
C THR A 223 20.84 3.09 9.00
N THR A 224 20.81 2.86 10.30
CA THR A 224 20.96 1.52 10.86
C THR A 224 19.97 1.35 11.98
N VAL A 225 19.81 0.16 12.54
CA VAL A 225 18.92 -0.04 13.68
C VAL A 225 19.15 0.97 14.79
N LYS A 226 20.40 1.18 15.19
CA LYS A 226 20.75 2.09 16.28
C LYS A 226 20.38 3.53 16.04
N ASP A 227 20.35 4.08 14.84
CA ASP A 227 20.01 5.46 14.56
C ASP A 227 18.65 5.66 13.88
N LEU A 228 17.85 4.62 13.81
CA LEU A 228 16.56 4.58 13.16
C LEU A 228 15.65 5.68 13.71
N ASP A 229 15.26 5.68 14.95
CA ASP A 229 14.45 6.71 15.61
C ASP A 229 15.03 8.10 15.47
N ASP A 230 16.34 8.28 15.62
CA ASP A 230 16.88 9.62 15.33
C ASP A 230 16.84 10.03 13.87
N ALA A 231 17.12 9.11 12.93
CA ALA A 231 17.05 9.47 11.53
C ALA A 231 15.60 9.78 11.17
N MET A 232 14.62 9.05 11.69
CA MET A 232 13.23 9.45 11.40
C MET A 232 12.88 10.88 11.82
N ARG A 233 13.15 11.18 13.10
CA ARG A 233 12.82 12.49 13.71
C ARG A 233 13.60 13.62 13.08
N THR A 234 14.89 13.38 12.92
CA THR A 234 15.78 14.36 12.28
C THR A 234 15.35 14.68 10.87
N ASN A 235 14.86 13.70 10.10
CA ASN A 235 14.44 13.95 8.72
C ASN A 235 12.98 14.34 8.66
N GLY A 236 12.29 14.46 9.79
CA GLY A 236 10.88 14.82 9.77
C GLY A 236 9.99 13.77 9.13
N ILE A 237 10.29 12.46 9.19
CA ILE A 237 9.41 11.52 8.47
C ILE A 237 8.43 10.98 9.49
N ARG A 238 7.13 11.29 9.35
CA ARG A 238 6.21 10.86 10.40
C ARG A 238 5.03 10.09 9.86
N LYS A 239 5.04 9.84 8.57
CA LYS A 239 3.97 9.13 7.88
C LYS A 239 4.53 8.64 6.55
N GLN A 240 3.73 7.82 5.89
CA GLN A 240 3.88 7.33 4.56
C GLN A 240 5.27 6.83 4.23
N ALA A 241 5.87 6.05 5.16
CA ALA A 241 7.23 5.63 5.02
C ALA A 241 7.21 4.09 4.94
N MET A 242 8.19 3.65 4.15
CA MET A 242 8.40 2.19 3.99
C MET A 242 9.81 1.91 4.55
N ILE A 243 9.92 1.07 5.53
CA ILE A 243 11.12 0.73 6.21
C ILE A 243 11.63 -0.66 5.78
N LEU A 244 12.76 -0.70 5.10
CA LEU A 244 13.42 -1.88 4.63
C LEU A 244 14.63 -2.15 5.52
N ALA A 245 14.59 -3.28 6.21
CA ALA A 245 15.66 -3.55 7.19
C ALA A 245 16.41 -4.80 6.81
N GLY A 246 17.71 -4.88 6.80
CA GLY A 246 18.40 -6.15 6.59
C GLY A 246 19.74 -5.88 5.91
N TRP A 247 20.64 -6.89 5.90
CA TRP A 247 21.89 -6.81 5.17
C TRP A 247 21.67 -6.67 3.67
N ALA A 248 20.49 -7.03 3.11
CA ALA A 248 20.36 -6.72 1.67
C ALA A 248 20.34 -5.23 1.43
N LEU A 249 20.16 -4.38 2.44
CA LEU A 249 20.16 -2.94 2.25
C LEU A 249 21.53 -2.30 2.49
N ASP A 250 22.56 -3.11 2.74
CA ASP A 250 23.88 -2.58 2.81
C ASP A 250 24.29 -1.92 1.51
N PRO A 251 24.61 -0.58 1.74
CA PRO A 251 25.20 0.10 0.55
C PRO A 251 26.69 -0.22 0.45
P PO4 B . -24.48 -4.33 -19.91
O1 PO4 B . -23.30 -5.37 -19.86
O2 PO4 B . -24.71 -3.56 -21.12
O3 PO4 B . -25.50 -5.36 -19.34
O4 PO4 B . -24.23 -3.29 -18.74
P PO4 C . -6.32 2.40 0.36
O1 PO4 C . -6.37 0.88 0.00
O2 PO4 C . -5.82 3.42 -0.62
O3 PO4 C . -7.84 2.63 0.58
O4 PO4 C . -5.68 2.28 1.76
N SAH D . -1.55 -1.27 -0.05
CA SAH D . -0.45 -0.28 0.06
CB SAH D . -0.23 -0.04 1.60
CG SAH D . -1.44 0.59 2.39
SD SAH D . -1.06 0.66 4.15
C SAH D . 0.80 -0.71 -0.71
O SAH D . 0.82 -1.88 -1.31
OXT SAH D . 1.85 0.01 -0.68
C5' SAH D . -0.19 2.30 4.17
C4' SAH D . 1.31 2.19 4.35
O4' SAH D . 1.96 1.85 3.10
C3' SAH D . 2.10 3.42 4.82
O3' SAH D . 2.06 3.54 6.25
C2' SAH D . 3.52 3.08 4.37
O2' SAH D . 4.11 2.06 5.19
C1' SAH D . 3.23 2.42 3.00
N9 SAH D . 3.16 3.37 1.94
C8 SAH D . 2.13 3.59 1.05
N7 SAH D . 2.53 4.36 0.04
C5 SAH D . 3.87 4.62 0.29
C6 SAH D . 4.83 5.34 -0.37
N6 SAH D . 4.57 5.93 -1.55
N1 SAH D . 6.08 5.46 0.17
C2 SAH D . 6.31 4.83 1.34
N3 SAH D . 5.45 4.08 2.05
C4 SAH D . 4.25 4.04 1.48
#